data_9KLW
#
_entry.id   9KLW
#
_cell.length_a   145.989
_cell.length_b   145.989
_cell.length_c   145.989
_cell.angle_alpha   90.00
_cell.angle_beta   90.00
_cell.angle_gamma   90.00
#
_symmetry.space_group_name_H-M   'I 2 3'
#
loop_
_entity.id
_entity.type
_entity.pdbx_description
1 polymer 'Epidermal growth factor receptor'
2 non-polymer N-[4-[4-amino-6-ethynyl-5-(3-quinolyl)pyrrolo[2,3-d]pyrimidin-7-yl]norbornan-1-yl]pyrimidine-5-carboxamide
3 non-polymer 'DIMETHYL SULFOXIDE'
4 water water
#
_entity_poly.entity_id   1
_entity_poly.type   'polypeptide(L)'
_entity_poly.pdbx_seq_one_letter_code
;GSMGEAPNQALLRILKETEFKKIKVLGSGAFGTVYKGLWIPEGEKVKIPVAIKELREATSPKANKEILDEAYVMASVDNP
HVCRLLGICLTSTVQLIMQLMPFGCLLDYVREHKDNIGSQYLLNWCVQIAKGMNYLEDRRLVHRDLAARNVLVKTPQHVK
ITDFGRAKLLGAEEKEYHAEGGKVPIKWMALESILHRIYTHQSDVWSYGVTVWELMTFGSKPYDGIPASEISSILEKGER
LPQPPICTIDVYMIMVKCWMIDADSRPKFRELIIEFSKMARDPQRYLVIQGDERMHLPSPTDSNFYRALMDEEDMDDVVD
ADEYLIPQQG
;
_entity_poly.pdbx_strand_id   A
#
loop_
_chem_comp.id
_chem_comp.type
_chem_comp.name
_chem_comp.formula
A1L53 non-polymer N-[4-[4-amino-6-ethynyl-5-(3-quinolyl)pyrrolo[2,3-d]pyrimidin-7-yl]norbornan-1-yl]pyrimidine-5-carboxamide 'C29 H24 N8 O'
DMS non-polymer 'DIMETHYL SULFOXIDE' 'C2 H6 O S'
#
# COMPACT_ATOMS: atom_id res chain seq x y z
N MET A 3 -30.06 10.38 -7.88
CA MET A 3 -28.70 9.79 -8.17
C MET A 3 -27.58 10.53 -7.41
N GLY A 4 -27.07 9.90 -6.36
CA GLY A 4 -25.93 10.41 -5.59
C GLY A 4 -24.59 10.01 -6.18
N GLU A 5 -24.47 8.72 -6.54
CA GLU A 5 -23.28 8.17 -7.20
C GLU A 5 -23.63 7.17 -8.31
N ALA A 6 -22.62 6.81 -9.09
CA ALA A 6 -22.75 5.86 -10.20
C ALA A 6 -22.85 4.41 -9.71
N PRO A 7 -23.50 3.51 -10.49
CA PRO A 7 -23.58 2.11 -10.07
C PRO A 7 -22.25 1.38 -10.16
N ASN A 8 -21.90 0.69 -9.07
CA ASN A 8 -20.67 -0.10 -8.98
C ASN A 8 -20.95 -1.45 -9.63
N GLN A 9 -20.53 -1.61 -10.89
CA GLN A 9 -20.77 -2.85 -11.64
C GLN A 9 -19.62 -3.87 -11.56
N ALA A 10 -18.70 -3.71 -10.60
CA ALA A 10 -17.65 -4.70 -10.32
C ALA A 10 -18.19 -6.13 -10.14
N LEU A 11 -17.39 -7.11 -10.55
CA LEU A 11 -17.71 -8.54 -10.42
C LEU A 11 -17.01 -9.13 -9.18
N LEU A 12 -17.80 -9.62 -8.21
CA LEU A 12 -17.28 -10.43 -7.11
C LEU A 12 -17.16 -11.87 -7.61
N ARG A 13 -15.93 -12.33 -7.80
CA ARG A 13 -15.66 -13.69 -8.27
C ARG A 13 -15.58 -14.64 -7.07
N ILE A 14 -16.34 -15.74 -7.10
CA ILE A 14 -16.32 -16.74 -6.04
C ILE A 14 -15.46 -17.91 -6.55
N LEU A 15 -14.43 -18.26 -5.78
CA LEU A 15 -13.46 -19.31 -6.13
C LEU A 15 -13.73 -20.58 -5.34
N LYS A 16 -13.76 -21.72 -6.03
CA LYS A 16 -13.94 -23.04 -5.38
C LYS A 16 -12.69 -23.40 -4.58
N GLU A 17 -12.86 -24.12 -3.48
CA GLU A 17 -11.71 -24.65 -2.70
C GLU A 17 -10.81 -25.59 -3.54
N THR A 18 -11.42 -26.32 -4.48
CA THR A 18 -10.69 -27.18 -5.43
C THR A 18 -9.87 -26.44 -6.52
N GLU A 19 -10.26 -25.21 -6.85
CA GLU A 19 -9.55 -24.37 -7.85
C GLU A 19 -8.16 -23.87 -7.44
N PHE A 20 -7.84 -23.87 -6.13
CA PHE A 20 -6.54 -23.37 -5.65
C PHE A 20 -6.02 -24.18 -4.48
N LYS A 21 -4.73 -24.00 -4.19
CA LYS A 21 -4.01 -24.77 -3.17
C LYS A 21 -2.99 -23.92 -2.41
N LYS A 22 -3.04 -24.01 -1.07
CA LYS A 22 -2.08 -23.33 -0.19
C LYS A 22 -0.77 -24.13 -0.23
N ILE A 23 0.32 -23.49 -0.64
CA ILE A 23 1.64 -24.12 -0.71
C ILE A 23 2.32 -23.98 0.66
N LYS A 24 2.39 -22.73 1.16
CA LYS A 24 2.95 -22.46 2.51
C LYS A 24 2.48 -21.13 3.11
N VAL A 25 2.74 -20.99 4.42
CA VAL A 25 2.45 -19.78 5.18
C VAL A 25 3.52 -18.74 4.84
N LEU A 26 3.08 -17.52 4.54
CA LEU A 26 3.99 -16.38 4.33
C LEU A 26 4.27 -15.63 5.63
N GLY A 27 3.20 -15.34 6.37
CA GLY A 27 3.33 -14.63 7.65
C GLY A 27 2.06 -14.61 8.47
N SER A 28 2.22 -14.40 9.77
CA SER A 28 1.14 -14.37 10.75
C SER A 28 1.18 -13.05 11.51
N GLY A 29 0.01 -12.59 11.95
CA GLY A 29 -0.12 -11.32 12.68
C GLY A 29 -1.45 -11.14 13.40
N ALA A 30 -1.69 -9.91 13.85
CA ALA A 30 -2.98 -9.50 14.41
C ALA A 30 -4.04 -9.39 13.29
N PHE A 31 -3.63 -8.81 12.16
CA PHE A 31 -4.42 -8.79 10.90
C PHE A 31 -4.97 -10.15 10.44
N GLY A 32 -4.17 -11.21 10.59
CA GLY A 32 -4.58 -12.58 10.21
C GLY A 32 -3.43 -13.54 9.93
N THR A 33 -3.62 -14.40 8.92
CA THR A 33 -2.61 -15.35 8.42
C THR A 33 -2.66 -15.35 6.88
N VAL A 34 -1.54 -14.96 6.24
CA VAL A 34 -1.43 -14.93 4.77
C VAL A 34 -0.62 -16.14 4.29
N TYR A 35 -1.17 -16.85 3.30
CA TYR A 35 -0.53 -18.01 2.67
C TYR A 35 -0.09 -17.67 1.24
N LYS A 36 0.99 -18.30 0.78
CA LYS A 36 1.34 -18.37 -0.65
C LYS A 36 0.53 -19.53 -1.24
N GLY A 37 0.03 -19.33 -2.46
CA GLY A 37 -0.71 -20.37 -3.17
C GLY A 37 -0.74 -20.24 -4.67
N LEU A 38 -1.35 -21.23 -5.30
CA LEU A 38 -1.49 -21.30 -6.74
C LEU A 38 -2.98 -21.46 -7.07
N TRP A 39 -3.50 -20.54 -7.89
CA TRP A 39 -4.88 -20.58 -8.38
C TRP A 39 -4.85 -21.14 -9.81
N ILE A 40 -5.65 -22.19 -10.03
CA ILE A 40 -5.80 -22.83 -11.35
C ILE A 40 -7.30 -22.79 -11.69
N PRO A 41 -7.75 -21.76 -12.46
CA PRO A 41 -9.11 -21.77 -13.05
C PRO A 41 -9.35 -23.04 -13.88
N GLU A 42 -10.53 -23.65 -13.72
CA GLU A 42 -10.77 -25.04 -14.17
C GLU A 42 -10.74 -25.23 -15.69
N GLY A 43 -11.44 -24.34 -16.40
CA GLY A 43 -11.50 -24.35 -17.87
C GLY A 43 -10.19 -24.03 -18.57
N GLU A 44 -9.47 -23.02 -18.05
CA GLU A 44 -8.18 -22.57 -18.64
C GLU A 44 -7.01 -23.51 -18.32
N LYS A 45 -5.92 -23.30 -19.06
CA LYS A 45 -4.63 -23.97 -18.86
C LYS A 45 -3.62 -22.91 -18.37
N VAL A 46 -3.88 -22.37 -17.16
CA VAL A 46 -3.01 -21.38 -16.48
C VAL A 46 -2.83 -21.69 -14.99
N LYS A 47 -1.74 -21.20 -14.42
CA LYS A 47 -1.45 -21.28 -12.98
C LYS A 47 -1.13 -19.87 -12.51
N ILE A 48 -1.95 -19.31 -11.63
CA ILE A 48 -1.82 -17.89 -11.22
C ILE A 48 -1.34 -17.88 -9.78
N PRO A 49 -0.10 -17.36 -9.51
CA PRO A 49 0.39 -17.22 -8.13
C PRO A 49 -0.49 -16.26 -7.33
N VAL A 50 -0.88 -16.71 -6.14
CA VAL A 50 -1.85 -15.99 -5.29
C VAL A 50 -1.39 -15.93 -3.84
N ALA A 51 -1.96 -14.97 -3.13
CA ALA A 51 -1.86 -14.84 -1.68
C ALA A 51 -3.27 -14.97 -1.13
N ILE A 52 -3.43 -15.80 -0.10
CA ILE A 52 -4.72 -16.13 0.51
C ILE A 52 -4.70 -15.65 1.95
N LYS A 53 -5.62 -14.76 2.33
CA LYS A 53 -5.70 -14.17 3.67
C LYS A 53 -6.83 -14.79 4.54
N GLU A 54 -6.44 -15.49 5.61
CA GLU A 54 -7.36 -16.00 6.67
C GLU A 54 -7.26 -15.15 7.96
N LEU A 55 -8.24 -15.31 8.85
CA LEU A 55 -8.16 -14.79 10.26
C LEU A 55 -7.99 -15.92 11.27
N ARG A 56 -7.57 -15.54 12.49
CA ARG A 56 -7.31 -16.50 13.59
C ARG A 56 -8.59 -17.19 14.09
N ALA A 58 -12.88 -20.36 15.68
CA ALA A 58 -12.94 -18.90 15.86
C ALA A 58 -13.52 -18.17 14.64
N THR A 59 -14.75 -18.57 14.29
CA THR A 59 -15.61 -17.88 13.32
C THR A 59 -16.61 -17.05 14.13
N SER A 60 -16.74 -15.76 13.79
CA SER A 60 -17.78 -14.88 14.35
C SER A 60 -18.53 -14.13 13.23
N PRO A 61 -19.80 -13.71 13.46
CA PRO A 61 -20.51 -12.83 12.50
C PRO A 61 -19.88 -11.45 12.24
N LYS A 62 -19.32 -10.83 13.29
CA LYS A 62 -18.63 -9.53 13.16
C LYS A 62 -17.30 -9.59 12.38
N ALA A 63 -16.64 -10.75 12.37
CA ALA A 63 -15.40 -10.97 11.60
C ALA A 63 -15.68 -11.06 10.10
N ASN A 64 -16.63 -11.92 9.72
CA ASN A 64 -17.07 -12.05 8.32
C ASN A 64 -17.72 -10.80 7.71
N LYS A 65 -18.39 -10.00 8.55
CA LYS A 65 -18.85 -8.64 8.18
C LYS A 65 -17.67 -7.77 7.72
N GLU A 66 -16.64 -7.69 8.56
CA GLU A 66 -15.42 -6.89 8.26
C GLU A 66 -14.56 -7.42 7.10
N ILE A 67 -14.52 -8.75 6.93
CA ILE A 67 -13.81 -9.38 5.79
C ILE A 67 -14.50 -9.00 4.46
N LEU A 68 -15.82 -9.16 4.41
CA LEU A 68 -16.60 -8.86 3.19
C LEU A 68 -16.68 -7.37 2.81
N ASP A 69 -16.56 -6.47 3.78
CA ASP A 69 -16.39 -5.02 3.52
C ASP A 69 -15.05 -4.69 2.88
N GLU A 70 -13.99 -5.37 3.30
CA GLU A 70 -12.69 -5.28 2.63
C GLU A 70 -12.77 -5.78 1.19
N ALA A 71 -13.40 -6.95 1.01
CA ALA A 71 -13.60 -7.57 -0.31
C ALA A 71 -14.34 -6.66 -1.29
N TYR A 72 -15.42 -6.04 -0.82
CA TYR A 72 -16.22 -5.06 -1.58
C TYR A 72 -15.35 -3.97 -2.23
N VAL A 73 -14.58 -3.28 -1.41
CA VAL A 73 -13.74 -2.14 -1.82
C VAL A 73 -12.63 -2.62 -2.74
N MET A 74 -12.01 -3.73 -2.38
CA MET A 74 -10.89 -4.32 -3.12
C MET A 74 -11.32 -4.91 -4.48
N ALA A 75 -12.54 -5.44 -4.57
CA ALA A 75 -13.15 -5.83 -5.86
C ALA A 75 -13.56 -4.66 -6.75
N SER A 76 -13.73 -3.47 -6.18
CA SER A 76 -14.14 -2.26 -6.90
C SER A 76 -13.02 -1.43 -7.54
N VAL A 77 -11.75 -1.80 -7.32
CA VAL A 77 -10.59 -1.03 -7.83
C VAL A 77 -9.94 -1.76 -9.01
N ASP A 78 -9.42 -0.97 -9.96
CA ASP A 78 -8.63 -1.47 -11.10
C ASP A 78 -7.64 -0.37 -11.56
N ASN A 79 -6.38 -0.51 -11.14
CA ASN A 79 -5.29 0.42 -11.45
C ASN A 79 -3.94 -0.29 -11.24
N PRO A 80 -2.91 0.03 -12.04
CA PRO A 80 -1.62 -0.67 -11.85
C PRO A 80 -0.90 -0.49 -10.51
N HIS A 81 -1.20 0.57 -9.76
CA HIS A 81 -0.55 0.81 -8.44
C HIS A 81 -1.51 0.64 -7.25
N VAL A 82 -2.52 -0.21 -7.44
CA VAL A 82 -3.52 -0.56 -6.44
C VAL A 82 -3.80 -2.07 -6.55
N CYS A 83 -3.81 -2.75 -5.41
CA CYS A 83 -4.10 -4.20 -5.35
C CYS A 83 -5.59 -4.50 -5.51
N ARG A 84 -5.94 -5.23 -6.56
CA ARG A 84 -7.29 -5.73 -6.81
C ARG A 84 -7.52 -7.08 -6.10
N LEU A 85 -8.76 -7.35 -5.74
CA LEU A 85 -9.18 -8.65 -5.25
C LEU A 85 -9.44 -9.56 -6.46
N LEU A 86 -8.82 -10.73 -6.46
CA LEU A 86 -9.11 -11.74 -7.49
C LEU A 86 -10.43 -12.45 -7.21
N GLY A 87 -10.64 -12.82 -5.95
CA GLY A 87 -11.91 -13.39 -5.53
C GLY A 87 -11.98 -13.74 -4.05
N ILE A 88 -13.11 -14.32 -3.66
CA ILE A 88 -13.31 -14.86 -2.31
C ILE A 88 -13.57 -16.35 -2.36
N CYS A 89 -13.25 -17.04 -1.26
CA CYS A 89 -13.60 -18.45 -1.08
C CYS A 89 -14.45 -18.57 0.18
N LEU A 90 -15.57 -19.30 0.08
CA LEU A 90 -16.59 -19.36 1.15
C LEU A 90 -16.38 -20.52 2.14
N THR A 91 -15.27 -20.43 2.87
CA THR A 91 -15.02 -21.24 4.09
C THR A 91 -15.81 -20.57 5.24
N SER A 92 -16.05 -21.30 6.33
CA SER A 92 -16.74 -20.79 7.54
C SER A 92 -16.33 -19.35 7.93
N THR A 93 -15.01 -19.13 8.06
CA THR A 93 -14.41 -17.80 7.98
C THR A 93 -14.07 -17.53 6.51
N VAL A 94 -14.40 -16.35 6.00
CA VAL A 94 -14.19 -16.01 4.58
C VAL A 94 -12.69 -15.80 4.32
N GLN A 95 -12.18 -16.44 3.26
CA GLN A 95 -10.82 -16.25 2.75
C GLN A 95 -10.83 -15.25 1.58
N LEU A 96 -9.93 -14.28 1.64
CA LEU A 96 -9.72 -13.32 0.55
C LEU A 96 -8.49 -13.73 -0.26
N ILE A 97 -8.62 -13.73 -1.58
CA ILE A 97 -7.57 -14.16 -2.52
C ILE A 97 -7.15 -12.96 -3.39
N MET A 98 -5.85 -12.69 -3.44
CA MET A 98 -5.28 -11.68 -4.35
C MET A 98 -4.00 -12.18 -5.01
N GLN A 99 -3.48 -11.37 -5.92
CA GLN A 99 -2.16 -11.51 -6.56
C GLN A 99 -1.03 -11.74 -5.54
N LEU A 100 -0.18 -12.75 -5.78
CA LEU A 100 1.06 -12.91 -5.01
C LEU A 100 2.03 -11.77 -5.35
N MET A 101 2.57 -11.14 -4.30
CA MET A 101 3.54 -10.05 -4.39
C MET A 101 4.87 -10.57 -3.81
N PRO A 102 5.71 -11.27 -4.64
CA PRO A 102 6.85 -12.08 -4.12
C PRO A 102 7.80 -11.43 -3.12
N PHE A 103 8.01 -10.12 -3.26
CA PHE A 103 8.94 -9.35 -2.44
C PHE A 103 8.32 -8.73 -1.16
N GLY A 104 7.05 -9.05 -0.88
CA GLY A 104 6.41 -8.67 0.39
C GLY A 104 6.04 -7.20 0.44
N CYS A 105 5.93 -6.68 1.66
CA CYS A 105 5.58 -5.27 1.86
C CYS A 105 6.82 -4.41 1.77
N LEU A 106 6.60 -3.16 1.35
CA LEU A 106 7.69 -2.24 1.06
C LEU A 106 8.50 -1.84 2.30
N LEU A 107 7.88 -1.82 3.48
CA LEU A 107 8.59 -1.50 4.73
C LEU A 107 9.67 -2.53 5.05
N ASP A 108 9.31 -3.80 5.01
CA ASP A 108 10.26 -4.91 5.19
C ASP A 108 11.35 -4.90 4.12
N TYR A 109 10.99 -4.58 2.87
CA TYR A 109 11.93 -4.55 1.75
C TYR A 109 13.05 -3.51 1.96
N VAL A 110 12.67 -2.28 2.34
CA VAL A 110 13.67 -1.22 2.58
C VAL A 110 14.57 -1.46 3.79
N ARG A 111 14.03 -2.12 4.83
CA ARG A 111 14.82 -2.52 6.01
C ARG A 111 15.86 -3.59 5.68
N GLU A 112 15.45 -4.63 4.96
CA GLU A 112 16.34 -5.73 4.55
C GLU A 112 17.33 -5.33 3.44
N HIS A 113 16.88 -4.53 2.48
CA HIS A 113 17.71 -4.08 1.33
C HIS A 113 18.23 -2.63 1.42
N LYS A 114 18.26 -2.05 2.63
CA LYS A 114 18.86 -0.71 2.93
C LYS A 114 20.15 -0.38 2.13
N ASP A 115 21.08 -1.34 2.13
CA ASP A 115 22.40 -1.18 1.48
C ASP A 115 22.43 -1.18 -0.06
N ASN A 116 21.35 -1.61 -0.75
CA ASN A 116 21.30 -1.72 -2.22
C ASN A 116 20.14 -0.97 -2.91
N ILE A 117 19.59 0.04 -2.25
CA ILE A 117 18.45 0.83 -2.77
C ILE A 117 18.97 2.20 -3.23
N GLY A 118 18.88 2.45 -4.54
CA GLY A 118 19.25 3.72 -5.13
C GLY A 118 18.20 4.80 -5.00
N SER A 119 18.60 6.00 -5.38
CA SER A 119 17.70 7.16 -5.46
C SER A 119 16.60 6.99 -6.52
N GLN A 120 16.93 6.35 -7.64
CA GLN A 120 15.95 6.05 -8.70
C GLN A 120 14.78 5.20 -8.19
N TYR A 121 15.08 4.19 -7.39
CA TYR A 121 14.05 3.29 -6.84
C TYR A 121 13.14 4.00 -5.85
N LEU A 122 13.71 4.72 -4.89
CA LEU A 122 12.96 5.47 -3.88
C LEU A 122 12.00 6.51 -4.48
N LEU A 123 12.51 7.28 -5.44
CA LEU A 123 11.70 8.29 -6.13
C LEU A 123 10.63 7.68 -7.03
N ASN A 124 10.96 6.61 -7.77
CA ASN A 124 9.94 5.85 -8.53
C ASN A 124 8.83 5.28 -7.64
N TRP A 125 9.16 4.80 -6.44
CA TRP A 125 8.15 4.33 -5.48
C TRP A 125 7.20 5.45 -5.01
N CYS A 126 7.76 6.63 -4.75
CA CYS A 126 6.98 7.82 -4.40
C CYS A 126 5.97 8.22 -5.49
N VAL A 127 6.41 8.17 -6.75
CA VAL A 127 5.54 8.41 -7.92
C VAL A 127 4.42 7.38 -7.98
N GLN A 128 4.79 6.10 -7.91
CA GLN A 128 3.84 5.00 -8.03
C GLN A 128 2.76 5.00 -6.95
N ILE A 129 3.17 5.27 -5.70
CA ILE A 129 2.21 5.41 -4.58
C ILE A 129 1.30 6.64 -4.80
N ALA A 130 1.85 7.74 -5.29
CA ALA A 130 1.05 8.93 -5.62
C ALA A 130 0.03 8.67 -6.73
N LYS A 131 0.40 7.84 -7.72
CA LYS A 131 -0.52 7.42 -8.80
C LYS A 131 -1.68 6.54 -8.31
N GLY A 132 -1.35 5.57 -7.47
CA GLY A 132 -2.34 4.71 -6.82
C GLY A 132 -3.30 5.50 -5.93
N MET A 133 -2.76 6.42 -5.14
CA MET A 133 -3.56 7.28 -4.26
C MET A 133 -4.44 8.25 -5.05
N ASN A 134 -3.88 8.84 -6.10
CA ASN A 134 -4.66 9.69 -7.03
C ASN A 134 -5.82 8.93 -7.69
N TYR A 135 -5.62 7.64 -7.99
CA TYR A 135 -6.70 6.78 -8.51
C TYR A 135 -7.83 6.59 -7.49
N LEU A 136 -7.47 6.28 -6.24
CA LEU A 136 -8.43 6.20 -5.13
C LEU A 136 -9.20 7.50 -4.90
N GLU A 137 -8.53 8.65 -5.10
CA GLU A 137 -9.20 9.96 -5.07
C GLU A 137 -10.17 10.14 -6.24
N ASP A 138 -9.78 9.72 -7.45
CA ASP A 138 -10.68 9.72 -8.63
C ASP A 138 -11.93 8.82 -8.43
N ARG A 139 -11.79 7.73 -7.67
CA ARG A 139 -12.90 6.84 -7.31
C ARG A 139 -13.65 7.25 -6.00
N ARG A 140 -13.36 8.45 -5.49
CA ARG A 140 -13.95 8.99 -4.25
C ARG A 140 -13.70 8.14 -2.98
N LEU A 141 -12.57 7.42 -2.95
CA LEU A 141 -12.19 6.52 -1.85
C LEU A 141 -11.07 7.15 -1.02
N VAL A 142 -11.34 7.35 0.27
CA VAL A 142 -10.34 7.73 1.25
C VAL A 142 -9.79 6.42 1.81
N HIS A 143 -8.47 6.26 1.77
CA HIS A 143 -7.76 5.05 2.26
C HIS A 143 -7.82 4.88 3.79
N ARG A 144 -7.53 5.96 4.52
CA ARG A 144 -7.53 6.03 6.01
C ARG A 144 -6.47 5.19 6.78
N ASP A 145 -5.46 4.69 6.07
CA ASP A 145 -4.39 3.80 6.62
C ASP A 145 -3.18 3.59 5.65
N LEU A 146 -2.77 4.66 4.95
CA LEU A 146 -1.62 4.61 4.05
C LEU A 146 -0.38 4.60 4.93
N ALA A 147 0.50 3.64 4.68
CA ALA A 147 1.77 3.49 5.39
C ALA A 147 2.65 2.57 4.57
N ALA A 148 3.95 2.56 4.86
CA ALA A 148 4.89 1.67 4.16
C ALA A 148 4.55 0.18 4.33
N ARG A 149 4.01 -0.21 5.51
CA ARG A 149 3.51 -1.59 5.76
C ARG A 149 2.37 -2.05 4.83
N ASN A 150 1.56 -1.11 4.33
CA ASN A 150 0.43 -1.36 3.41
C ASN A 150 0.72 -0.98 1.94
N VAL A 151 1.98 -1.09 1.53
CA VAL A 151 2.40 -1.03 0.13
C VAL A 151 3.08 -2.38 -0.11
N LEU A 152 2.66 -3.09 -1.15
CA LEU A 152 3.24 -4.39 -1.52
C LEU A 152 4.10 -4.23 -2.74
N VAL A 153 5.06 -5.14 -2.87
CA VAL A 153 6.13 -5.07 -3.87
C VAL A 153 5.95 -6.27 -4.81
N LYS A 154 5.51 -5.99 -6.05
CA LYS A 154 5.41 -7.03 -7.10
C LYS A 154 6.81 -7.34 -7.62
N THR A 155 7.50 -6.30 -8.06
CA THR A 155 8.95 -6.32 -8.33
C THR A 155 9.52 -5.09 -7.62
N PRO A 156 10.87 -4.99 -7.51
CA PRO A 156 11.47 -3.72 -7.04
C PRO A 156 11.14 -2.48 -7.88
N GLN A 157 10.79 -2.69 -9.16
CA GLN A 157 10.37 -1.66 -10.10
C GLN A 157 8.87 -1.34 -10.07
N HIS A 158 8.06 -2.08 -9.30
CA HIS A 158 6.58 -2.00 -9.36
C HIS A 158 5.94 -2.33 -7.99
N VAL A 159 5.42 -1.29 -7.33
CA VAL A 159 4.73 -1.40 -6.05
C VAL A 159 3.25 -1.03 -6.18
N LYS A 160 2.44 -1.55 -5.26
CA LYS A 160 0.98 -1.32 -5.22
C LYS A 160 0.50 -1.10 -3.80
N ILE A 161 -0.51 -0.26 -3.66
CA ILE A 161 -1.16 0.03 -2.37
C ILE A 161 -2.17 -1.09 -2.03
N THR A 162 -2.26 -1.42 -0.75
CA THR A 162 -3.19 -2.44 -0.23
C THR A 162 -3.85 -1.96 1.07
N ASP A 163 -4.61 -2.85 1.71
CA ASP A 163 -5.33 -2.60 2.97
C ASP A 163 -6.49 -1.62 2.80
N PHE A 164 -7.66 -2.16 2.43
CA PHE A 164 -8.93 -1.43 2.41
C PHE A 164 -9.85 -1.80 3.61
N GLY A 165 -9.27 -2.29 4.72
CA GLY A 165 -10.01 -2.54 5.96
C GLY A 165 -10.55 -1.31 6.69
N ARG A 166 -9.98 -0.14 6.40
CA ARG A 166 -10.46 1.17 6.89
C ARG A 166 -10.90 2.13 5.76
N ALA A 167 -10.96 1.65 4.51
CA ALA A 167 -11.20 2.52 3.34
C ALA A 167 -12.69 2.83 3.20
N LYS A 168 -13.03 4.13 3.04
CA LYS A 168 -14.42 4.62 3.03
C LYS A 168 -14.71 5.52 1.83
N LEU A 169 -15.96 5.47 1.37
CA LEU A 169 -16.44 6.18 0.18
C LEU A 169 -16.94 7.58 0.57
N LEU A 170 -16.32 8.62 -0.01
CA LEU A 170 -16.80 10.02 0.09
C LEU A 170 -17.32 10.47 -1.28
N VAL A 184 -5.59 2.32 16.56
CA VAL A 184 -5.58 3.23 15.40
C VAL A 184 -4.18 3.79 15.10
N PRO A 185 -3.87 4.08 13.81
CA PRO A 185 -2.51 4.44 13.41
C PRO A 185 -2.21 5.93 13.65
N ILE A 186 -2.03 6.27 14.94
CA ILE A 186 -1.94 7.68 15.40
C ILE A 186 -0.76 8.42 14.76
N LYS A 187 0.38 7.74 14.62
CA LYS A 187 1.61 8.34 14.08
C LYS A 187 1.64 8.56 12.55
N TRP A 188 0.65 8.05 11.82
CA TRP A 188 0.47 8.29 10.37
C TRP A 188 -0.68 9.26 10.03
N MET A 189 -1.48 9.66 11.04
CA MET A 189 -2.72 10.41 10.82
C MET A 189 -2.49 11.92 10.83
N ALA A 190 -3.33 12.64 10.08
CA ALA A 190 -3.40 14.11 10.16
C ALA A 190 -3.92 14.57 11.51
N LEU A 191 -3.63 15.83 11.83
CA LEU A 191 -4.02 16.41 13.12
C LEU A 191 -5.54 16.44 13.28
N GLU A 192 -6.25 16.89 12.25
CA GLU A 192 -7.73 16.89 12.23
C GLU A 192 -8.37 15.51 12.41
N SER A 193 -7.73 14.46 11.89
CA SER A 193 -8.13 13.07 12.15
C SER A 193 -7.99 12.64 13.62
N ILE A 194 -6.87 13.02 14.25
CA ILE A 194 -6.62 12.69 15.68
C ILE A 194 -7.62 13.40 16.59
N LEU A 195 -7.81 14.71 16.37
CA LEU A 195 -8.65 15.53 17.23
C LEU A 195 -10.14 15.32 17.00
N HIS A 196 -10.55 15.32 15.73
CA HIS A 196 -11.97 15.37 15.33
C HIS A 196 -12.50 14.19 14.48
N ARG A 197 -11.66 13.18 14.22
CA ARG A 197 -12.01 12.03 13.34
C ARG A 197 -12.46 12.43 11.91
N ILE A 198 -11.91 13.55 11.42
CA ILE A 198 -12.20 14.06 10.07
C ILE A 198 -11.17 13.37 9.17
N TYR A 199 -11.66 12.72 8.11
CA TYR A 199 -10.84 12.01 7.14
C TYR A 199 -11.23 12.46 5.73
N THR A 200 -10.26 13.01 5.01
CA THR A 200 -10.42 13.45 3.62
C THR A 200 -9.30 12.85 2.78
N HIS A 201 -9.34 13.12 1.48
CA HIS A 201 -8.21 12.83 0.58
C HIS A 201 -6.93 13.56 1.00
N GLN A 202 -7.09 14.76 1.57
CA GLN A 202 -5.98 15.55 2.13
C GLN A 202 -5.38 15.01 3.43
N SER A 203 -6.15 14.28 4.24
CA SER A 203 -5.58 13.53 5.38
C SER A 203 -4.74 12.32 4.91
N ASP A 204 -5.13 11.69 3.79
CA ASP A 204 -4.27 10.67 3.15
C ASP A 204 -2.92 11.23 2.65
N VAL A 205 -2.91 12.51 2.23
CA VAL A 205 -1.66 13.20 1.85
C VAL A 205 -0.70 13.34 3.05
N TRP A 206 -1.20 13.66 4.24
CA TRP A 206 -0.39 13.61 5.47
C TRP A 206 0.27 12.25 5.62
N SER A 207 -0.55 11.20 5.54
CA SER A 207 -0.06 9.83 5.64
C SER A 207 0.90 9.43 4.53
N TYR A 208 0.70 9.99 3.33
CA TYR A 208 1.68 9.89 2.23
C TYR A 208 3.01 10.52 2.64
N GLY A 209 2.95 11.73 3.22
CA GLY A 209 4.12 12.39 3.81
C GLY A 209 4.92 11.51 4.77
N VAL A 210 4.22 10.83 5.66
CA VAL A 210 4.85 9.95 6.66
C VAL A 210 5.40 8.69 5.96
N THR A 211 4.64 8.15 4.99
CA THR A 211 5.08 7.01 4.16
C THR A 211 6.40 7.31 3.43
N VAL A 212 6.49 8.48 2.80
CA VAL A 212 7.72 8.92 2.12
C VAL A 212 8.89 9.01 3.11
N TRP A 213 8.64 9.61 4.28
CA TRP A 213 9.63 9.67 5.37
C TRP A 213 10.13 8.29 5.82
N GLU A 214 9.23 7.30 5.86
CA GLU A 214 9.63 5.91 6.15
C GLU A 214 10.60 5.35 5.10
N LEU A 215 10.30 5.58 3.83
CA LEU A 215 11.15 5.09 2.73
C LEU A 215 12.50 5.77 2.69
N MET A 216 12.52 7.11 2.83
CA MET A 216 13.78 7.88 2.83
C MET A 216 14.67 7.62 4.03
N THR A 217 14.11 7.19 5.17
CA THR A 217 14.89 6.72 6.33
C THR A 217 15.14 5.18 6.36
N PHE A 218 14.84 4.48 5.27
CA PHE A 218 14.96 3.02 5.14
C PHE A 218 14.19 2.21 6.21
N GLY A 219 12.97 2.67 6.49
CA GLY A 219 12.03 1.99 7.37
C GLY A 219 12.21 2.25 8.85
N SER A 220 12.59 3.47 9.21
CA SER A 220 12.62 3.88 10.62
C SER A 220 11.19 4.08 11.13
N LYS A 221 11.01 3.89 12.43
CA LYS A 221 9.71 4.05 13.09
C LYS A 221 9.52 5.55 13.36
N PRO A 222 8.40 6.16 12.86
CA PRO A 222 8.19 7.60 13.11
C PRO A 222 7.85 7.89 14.57
N TYR A 223 8.50 8.94 15.11
CA TYR A 223 8.37 9.37 16.51
C TYR A 223 8.77 8.25 17.49
N ASP A 224 9.89 7.57 17.20
CA ASP A 224 10.31 6.36 17.95
C ASP A 224 10.62 6.68 19.41
N GLY A 225 9.98 5.94 20.32
CA GLY A 225 10.06 6.18 21.77
C GLY A 225 8.86 6.95 22.34
N ILE A 226 8.39 7.97 21.60
CA ILE A 226 7.25 8.81 22.01
C ILE A 226 5.94 8.00 21.96
N PRO A 227 5.11 8.02 23.04
CA PRO A 227 3.80 7.35 23.01
C PRO A 227 2.74 8.13 22.22
N ALA A 228 1.74 7.40 21.72
CA ALA A 228 0.71 7.93 20.80
C ALA A 228 -0.15 9.08 21.36
N SER A 229 -0.42 9.06 22.65
CA SER A 229 -1.20 10.12 23.33
C SER A 229 -0.51 11.50 23.33
N GLU A 230 0.83 11.52 23.35
CA GLU A 230 1.62 12.77 23.25
C GLU A 230 1.73 13.38 21.83
N ILE A 231 1.30 12.67 20.78
CA ILE A 231 1.54 13.07 19.38
C ILE A 231 0.74 14.31 18.97
N SER A 232 -0.54 14.38 19.36
CA SER A 232 -1.40 15.54 19.06
C SER A 232 -0.85 16.86 19.60
N SER A 233 -0.37 16.85 20.86
CA SER A 233 0.33 17.99 21.47
C SER A 233 1.61 18.40 20.73
N ILE A 234 2.41 17.40 20.37
CA ILE A 234 3.65 17.55 19.57
C ILE A 234 3.37 18.28 18.24
N LEU A 235 2.36 17.81 17.50
CA LEU A 235 1.99 18.41 16.20
C LEU A 235 1.36 19.80 16.30
N GLU A 236 0.53 20.02 17.33
CA GLU A 236 -0.05 21.35 17.62
C GLU A 236 1.00 22.42 17.97
N LYS A 237 2.03 22.04 18.72
CA LYS A 237 3.21 22.89 19.01
C LYS A 237 4.00 23.37 17.77
N GLY A 238 3.96 22.58 16.69
CA GLY A 238 4.67 22.86 15.43
C GLY A 238 5.77 21.87 15.07
N GLU A 239 6.00 20.85 15.91
CA GLU A 239 7.02 19.83 15.66
C GLU A 239 6.56 18.87 14.56
N ARG A 240 7.51 18.44 13.74
CA ARG A 240 7.31 17.44 12.70
C ARG A 240 8.46 16.42 12.75
N LEU A 241 8.38 15.42 11.87
CA LEU A 241 9.45 14.42 11.72
C LEU A 241 10.70 15.09 11.15
N PRO A 242 11.91 14.60 11.54
CA PRO A 242 13.16 15.25 11.10
C PRO A 242 13.49 15.00 9.64
N GLN A 243 14.39 15.82 9.12
CA GLN A 243 14.88 15.69 7.74
C GLN A 243 15.78 14.46 7.64
N PRO A 244 15.39 13.44 6.82
CA PRO A 244 16.29 12.27 6.68
C PRO A 244 17.66 12.66 6.10
N PRO A 245 18.77 12.06 6.59
CA PRO A 245 20.14 12.35 6.09
C PRO A 245 20.32 12.42 4.56
N ILE A 246 19.65 11.51 3.85
CA ILE A 246 19.72 11.43 2.37
C ILE A 246 18.91 12.50 1.61
N CYS A 247 17.95 13.12 2.28
CA CYS A 247 17.04 14.07 1.63
C CYS A 247 17.65 15.45 1.44
N THR A 248 17.57 15.94 0.22
CA THR A 248 17.70 17.36 -0.07
C THR A 248 16.51 18.13 0.53
N ILE A 249 16.70 19.43 0.73
CA ILE A 249 15.60 20.35 1.07
C ILE A 249 14.41 20.27 0.10
N ASP A 250 14.67 20.06 -1.19
CA ASP A 250 13.62 19.87 -2.22
C ASP A 250 12.60 18.76 -1.87
N VAL A 251 13.14 17.60 -1.47
CA VAL A 251 12.34 16.44 -1.06
C VAL A 251 11.70 16.65 0.31
N TYR A 252 12.46 17.18 1.28
CA TYR A 252 11.95 17.40 2.64
C TYR A 252 10.84 18.48 2.70
N MET A 253 10.95 19.51 1.86
CA MET A 253 9.90 20.52 1.67
C MET A 253 8.57 19.89 1.22
N ILE A 254 8.62 18.90 0.33
CA ILE A 254 7.41 18.15 -0.10
C ILE A 254 6.78 17.42 1.08
N MET A 255 7.60 16.75 1.90
CA MET A 255 7.10 16.08 3.13
C MET A 255 6.47 17.07 4.12
N VAL A 256 7.15 18.19 4.37
CA VAL A 256 6.67 19.28 5.25
C VAL A 256 5.36 19.88 4.73
N LYS A 257 5.24 20.06 3.41
CA LYS A 257 3.97 20.51 2.78
C LYS A 257 2.80 19.54 3.00
N CYS A 258 3.08 18.23 3.02
CA CYS A 258 2.07 17.22 3.39
C CYS A 258 1.59 17.29 4.85
N TRP A 259 2.37 17.90 5.74
CA TRP A 259 2.05 18.03 7.17
C TRP A 259 1.64 19.45 7.63
N MET A 260 1.08 20.25 6.71
CA MET A 260 0.52 21.57 7.05
C MET A 260 -0.75 21.39 7.89
N ILE A 261 -1.05 22.36 8.74
CA ILE A 261 -2.28 22.39 9.56
C ILE A 261 -3.49 22.59 8.64
N ASP A 262 -3.40 23.53 7.71
CA ASP A 262 -4.43 23.76 6.69
C ASP A 262 -4.40 22.63 5.65
N ALA A 263 -5.45 21.80 5.64
CA ALA A 263 -5.55 20.65 4.73
C ALA A 263 -5.57 21.05 3.25
N ASP A 264 -6.32 22.11 2.91
CA ASP A 264 -6.31 22.67 1.55
C ASP A 264 -4.96 23.21 1.06
N SER A 265 -4.08 23.63 1.97
CA SER A 265 -2.70 24.01 1.63
C SER A 265 -1.75 22.85 1.29
N ARG A 266 -2.08 21.62 1.69
CA ARG A 266 -1.26 20.44 1.36
C ARG A 266 -1.33 20.12 -0.15
N PRO A 267 -0.32 19.40 -0.68
CA PRO A 267 -0.38 19.11 -2.12
C PRO A 267 -1.50 18.17 -2.47
N LYS A 268 -2.04 18.30 -3.67
CA LYS A 268 -2.85 17.25 -4.30
C LYS A 268 -1.92 16.08 -4.72
N PHE A 269 -2.48 14.87 -4.77
CA PHE A 269 -1.76 13.69 -5.27
C PHE A 269 -1.27 13.84 -6.73
N ARG A 270 -2.07 14.49 -7.57
CA ARG A 270 -1.66 14.79 -8.95
C ARG A 270 -0.43 15.70 -9.04
N GLU A 271 -0.31 16.63 -8.08
CA GLU A 271 0.89 17.49 -7.95
C GLU A 271 2.10 16.71 -7.47
N LEU A 272 1.89 15.81 -6.51
CA LEU A 272 2.94 14.90 -6.02
C LEU A 272 3.47 13.95 -7.10
N ILE A 273 2.59 13.48 -7.99
CA ILE A 273 3.01 12.70 -9.17
C ILE A 273 4.01 13.53 -10.00
N ILE A 274 3.65 14.78 -10.29
CA ILE A 274 4.47 15.70 -11.09
C ILE A 274 5.83 15.97 -10.41
N GLU A 275 5.80 16.37 -9.14
CA GLU A 275 7.02 16.76 -8.42
C GLU A 275 8.02 15.63 -8.32
N PHE A 276 7.57 14.46 -7.87
CA PHE A 276 8.45 13.29 -7.77
C PHE A 276 8.93 12.76 -9.14
N SER A 277 8.08 12.86 -10.18
CA SER A 277 8.46 12.38 -11.51
C SER A 277 9.48 13.28 -12.20
N LYS A 278 9.40 14.59 -11.94
CA LYS A 278 10.48 15.55 -12.27
C LYS A 278 11.79 15.17 -11.57
N MET A 279 11.71 14.91 -10.27
CA MET A 279 12.86 14.46 -9.48
C MET A 279 13.45 13.11 -9.93
N ALA A 280 12.57 12.19 -10.33
CA ALA A 280 12.98 10.89 -10.87
C ALA A 280 13.73 10.93 -12.20
N ARG A 281 13.63 12.03 -12.96
CA ARG A 281 14.47 12.24 -14.17
C ARG A 281 15.95 12.47 -13.86
N ASP A 282 16.24 13.05 -12.69
CA ASP A 282 17.62 13.37 -12.26
C ASP A 282 17.75 13.03 -10.74
N PRO A 283 17.70 11.72 -10.39
CA PRO A 283 17.58 11.26 -8.99
C PRO A 283 18.70 11.70 -8.00
N GLN A 284 19.95 11.73 -8.48
CA GLN A 284 21.08 12.11 -7.62
C GLN A 284 21.16 13.60 -7.27
N ARG A 285 20.40 14.44 -7.99
CA ARG A 285 20.15 15.83 -7.59
C ARG A 285 19.26 15.99 -6.35
N TYR A 286 18.38 15.02 -6.10
CA TYR A 286 17.35 15.12 -5.05
C TYR A 286 17.50 14.15 -3.86
N LEU A 287 18.20 13.02 -4.04
CA LEU A 287 18.60 12.13 -2.92
C LEU A 287 20.10 11.85 -3.00
N VAL A 288 20.78 11.96 -1.87
CA VAL A 288 22.23 11.84 -1.75
C VAL A 288 22.51 10.59 -0.91
N ILE A 289 22.92 9.50 -1.57
CA ILE A 289 23.16 8.19 -0.95
C ILE A 289 24.57 7.71 -1.34
N GLN A 290 25.34 7.24 -0.36
CA GLN A 290 26.73 6.79 -0.59
C GLN A 290 26.79 5.53 -1.48
N GLY A 291 27.52 5.63 -2.59
CA GLY A 291 27.63 4.56 -3.59
C GLY A 291 26.35 4.31 -4.39
N ASP A 292 25.75 5.39 -4.90
CA ASP A 292 24.46 5.33 -5.62
C ASP A 292 24.55 4.66 -7.01
N GLU A 293 25.66 4.90 -7.72
CA GLU A 293 25.94 4.26 -9.03
C GLU A 293 26.01 2.71 -9.02
N ARG A 294 26.47 2.12 -7.91
CA ARG A 294 26.66 0.66 -7.78
C ARG A 294 25.39 -0.19 -7.46
N MET A 295 24.24 0.46 -7.23
CA MET A 295 23.09 -0.18 -6.57
C MET A 295 22.31 -1.07 -7.55
N HIS A 296 22.23 -2.37 -7.23
CA HIS A 296 21.52 -3.38 -8.05
C HIS A 296 20.47 -4.14 -7.21
N LEU A 297 19.26 -4.28 -7.76
CA LEU A 297 18.17 -5.09 -7.18
C LEU A 297 17.54 -6.00 -8.27
N PRO A 298 17.04 -7.21 -7.89
CA PRO A 298 16.51 -8.14 -8.90
C PRO A 298 15.12 -7.76 -9.40
N ASP A 311 8.85 -24.07 -7.48
CA ASP A 311 8.81 -25.36 -8.18
C ASP A 311 9.08 -25.19 -9.68
N GLU A 312 9.76 -26.17 -10.27
CA GLU A 312 10.06 -26.18 -11.72
C GLU A 312 8.83 -26.53 -12.57
N GLU A 313 8.08 -27.55 -12.15
CA GLU A 313 6.81 -27.98 -12.79
C GLU A 313 5.73 -26.88 -12.89
N ASP A 314 5.67 -26.01 -11.87
CA ASP A 314 4.73 -24.88 -11.85
C ASP A 314 5.02 -23.92 -13.00
N MET A 315 6.25 -23.42 -13.05
CA MET A 315 6.74 -22.39 -14.02
C MET A 315 6.34 -22.50 -15.51
N ASP A 316 5.97 -23.70 -15.98
CA ASP A 316 5.53 -23.92 -17.37
C ASP A 316 4.32 -23.05 -17.80
N ASP A 317 3.22 -23.16 -17.05
CA ASP A 317 1.96 -22.42 -17.34
C ASP A 317 1.68 -21.22 -16.40
N VAL A 318 2.72 -20.64 -15.80
CA VAL A 318 2.55 -19.51 -14.88
C VAL A 318 2.24 -18.24 -15.66
N VAL A 319 1.06 -17.69 -15.41
CA VAL A 319 0.64 -16.37 -15.85
C VAL A 319 0.53 -15.53 -14.57
N ASP A 320 1.10 -14.33 -14.58
CA ASP A 320 0.86 -13.36 -13.50
C ASP A 320 -0.59 -12.86 -13.58
N ALA A 321 -1.22 -12.63 -12.43
CA ALA A 321 -2.63 -12.18 -12.36
C ALA A 321 -2.97 -10.90 -13.15
N ASP A 322 -2.01 -9.99 -13.27
CA ASP A 322 -2.16 -8.78 -14.13
C ASP A 322 -2.34 -9.02 -15.62
N GLU A 323 -1.91 -10.18 -16.12
CA GLU A 323 -2.13 -10.61 -17.52
C GLU A 323 -3.35 -11.54 -17.70
N TYR A 324 -3.89 -12.09 -16.60
CA TYR A 324 -5.09 -12.92 -16.61
C TYR A 324 -6.33 -12.04 -16.37
N LEU A 325 -6.85 -11.48 -17.48
CA LEU A 325 -7.98 -10.54 -17.45
C LEU A 325 -9.32 -11.28 -17.51
N ILE A 326 -10.38 -10.57 -17.10
CA ILE A 326 -11.69 -11.17 -16.80
C ILE A 326 -12.39 -11.58 -18.12
N PRO A 327 -12.80 -12.88 -18.26
CA PRO A 327 -13.59 -13.27 -19.45
C PRO A 327 -15.00 -12.71 -19.45
C2 A1L53 B . 0.73 -10.67 -0.71
C4 A1L53 B . 2.95 -11.40 -0.57
C6 A1L53 B . 1.98 -10.57 1.39
C7 A1L53 B . 0.78 -10.34 0.67
C8 A1L53 B . -0.16 -9.77 1.66
C12 A1L53 B . -4.24 -8.69 1.29
C15 A1L53 B . -6.15 -10.60 0.50
C16 A1L53 B . -4.84 -10.99 0.61
C17 A1L53 B . -3.86 -10.05 1.01
C18 A1L53 B . -2.48 -10.40 1.14
C19 A1L53 B . 0.52 -9.72 2.87
C21 A1L53 B . -0.62 -8.79 5.04
N22 A1L53 B . 1.81 -10.17 2.71
C23 A1L53 B . 2.81 -10.24 3.79
C24 A1L53 B . 2.51 -11.35 4.86
C27 A1L53 B . 4.36 -9.15 5.42
C31 A1L53 B . 7.31 -10.13 4.61
C33 A1L53 B . 8.71 -10.46 4.97
C34 A1L53 B . 9.73 -10.56 3.99
C36 A1L53 B . 11.28 -11.04 5.65
C38 A1L53 B . 9.09 -10.67 6.32
N1 A1L53 B . -0.38 -10.47 -1.52
N3 A1L53 B . 1.84 -11.19 -1.28
N5 A1L53 B . 3.03 -11.09 0.72
C9 A1L53 B . -1.58 -9.39 1.50
C10 A1L53 B . -2.05 -8.08 1.77
N11 A1L53 B . -3.33 -7.78 1.65
C13 A1L53 B . -5.60 -8.34 1.16
C14 A1L53 B . -6.52 -9.27 0.77
C20 A1L53 B . -0.12 -9.21 4.05
C25 A1L53 B . 3.87 -11.60 5.56
C26 A1L53 B . 4.84 -10.56 4.94
C28 A1L53 B . 3.07 -8.91 4.59
C29 A1L53 B . 4.31 -10.62 3.46
N30 A1L53 B . 6.27 -10.81 5.20
O32 A1L53 B . 7.15 -9.22 3.80
N35 A1L53 B . 10.98 -10.84 4.37
N37 A1L53 B . 10.35 -10.96 6.61
S DMS C . 0.60 3.59 16.14
O DMS C . 0.65 4.88 15.42
C1 DMS C . 0.67 2.29 15.03
C2 DMS C . 2.06 3.33 17.00
#